data_6PZ0
#
_entry.id   6PZ0
#
_cell.length_a   42.886
_cell.length_b   81.815
_cell.length_c   103.750
_cell.angle_alpha   90.000
_cell.angle_beta   90.000
_cell.angle_gamma   90.000
#
_symmetry.space_group_name_H-M   'P 21 21 21'
#
loop_
_entity.id
_entity.type
_entity.pdbx_description
1 polymer 'iodotyrosine deiodinase'
2 non-polymer 'FLAVIN MONONUCLEOTIDE'
3 non-polymer TYROSINE
4 non-polymer 'CHLORIDE ION'
5 water water
#
_entity_poly.entity_id   1
_entity_poly.type   'polypeptide(L)'
_entity_poly.pdbx_seq_one_letter_code
;MKMLYDLAKKRKTVRRFKKEKPPLEDLIYSLKVANEAPSGMNAQPWRFLIVEDEKLKGQIRRVCERSEKTFYENVRGRLK
EWLDEKRFTWRKPFLKEAPYLLLVFSEKSAPYSRESVWLAVGYLLLALEEKGLGSVPYTPPDFREVEKLVNTPSELRLEV
ILPVGYPDDPKPKYPRNEVIVRYNTFHHHHHH
;
_entity_poly.pdbx_strand_id   A,B
#
loop_
_chem_comp.id
_chem_comp.type
_chem_comp.name
_chem_comp.formula
CL non-polymer 'CHLORIDE ION' 'Cl -1'
FMN non-polymer 'FLAVIN MONONUCLEOTIDE' 'C17 H21 N4 O9 P'
#
# COMPACT_ATOMS: atom_id res chain seq x y z
N LYS A 2 2.05 1.52 -22.58
CA LYS A 2 1.68 0.16 -22.98
C LYS A 2 1.67 -0.79 -21.80
N MET A 3 2.62 -0.60 -20.88
CA MET A 3 2.80 -1.48 -19.73
C MET A 3 2.50 -0.77 -18.41
N LEU A 4 2.18 -1.55 -17.39
CA LEU A 4 1.99 -0.98 -16.07
C LEU A 4 3.26 -0.27 -15.64
N TYR A 5 4.41 -0.80 -16.03
CA TYR A 5 5.69 -0.17 -15.68
C TYR A 5 5.71 1.27 -16.18
N ASP A 6 5.20 1.51 -17.37
CA ASP A 6 5.23 2.85 -17.93
C ASP A 6 4.38 3.80 -17.10
N LEU A 7 3.24 3.31 -16.65
CA LEU A 7 2.30 4.11 -15.87
C LEU A 7 2.93 4.46 -14.53
N ALA A 8 3.55 3.46 -13.92
CA ALA A 8 4.19 3.61 -12.64
C ALA A 8 5.39 4.53 -12.76
N LYS A 9 6.12 4.38 -13.86
CA LYS A 9 7.30 5.21 -14.08
C LYS A 9 6.93 6.67 -14.26
N LYS A 10 5.89 6.94 -15.04
CA LYS A 10 5.45 8.30 -15.34
C LYS A 10 4.90 9.00 -14.12
N ARG A 11 4.25 8.23 -13.26
CA ARG A 11 3.56 8.85 -12.17
C ARG A 11 4.52 9.41 -11.16
N LYS A 12 4.26 10.65 -10.77
CA LYS A 12 5.11 11.39 -9.87
C LYS A 12 4.25 12.25 -8.98
N THR A 13 4.87 12.81 -7.96
CA THR A 13 4.15 13.71 -7.06
C THR A 13 3.60 14.88 -7.80
N VAL A 14 2.38 15.30 -7.43
CA VAL A 14 1.86 16.55 -7.91
C VAL A 14 1.47 17.39 -6.68
N ARG A 15 2.14 18.53 -6.54
CA ARG A 15 1.88 19.48 -5.45
C ARG A 15 1.39 20.81 -6.00
N ARG A 16 1.32 20.90 -7.32
CA ARG A 16 0.80 22.07 -8.02
C ARG A 16 -0.40 21.63 -8.80
N PHE A 17 -1.51 22.31 -8.54
CA PHE A 17 -2.78 21.95 -9.12
C PHE A 17 -3.43 23.13 -9.80
N LYS A 18 -4.17 22.85 -10.87
CA LYS A 18 -5.12 23.82 -11.43
C LYS A 18 -6.34 23.95 -10.54
N LYS A 19 -7.09 25.03 -10.72
CA LYS A 19 -8.29 25.25 -9.94
C LYS A 19 -9.43 24.42 -10.49
N GLU A 20 -9.37 24.20 -11.81
CA GLU A 20 -10.42 23.52 -12.54
C GLU A 20 -10.74 22.21 -11.87
N LYS A 21 -12.02 21.98 -11.64
CA LYS A 21 -12.48 20.78 -10.97
C LYS A 21 -12.60 19.62 -11.94
N PRO A 22 -11.81 18.56 -11.72
CA PRO A 22 -12.06 17.33 -12.47
C PRO A 22 -13.45 16.79 -12.22
N PRO A 23 -14.02 16.08 -13.19
CA PRO A 23 -15.28 15.38 -12.92
C PRO A 23 -15.16 14.46 -11.71
N LEU A 24 -16.16 14.49 -10.84
CA LEU A 24 -16.24 13.55 -9.72
C LEU A 24 -15.99 12.10 -10.18
N GLU A 25 -16.56 11.74 -11.32
CA GLU A 25 -16.41 10.37 -11.84
C GLU A 25 -14.95 9.93 -11.96
N ASP A 26 -14.06 10.85 -12.29
CA ASP A 26 -12.64 10.55 -12.41
C ASP A 26 -12.06 10.15 -11.07
N LEU A 27 -12.41 10.89 -10.02
CA LEU A 27 -11.99 10.55 -8.68
C LEU A 27 -12.67 9.27 -8.22
N ILE A 28 -13.97 9.14 -8.45
CA ILE A 28 -14.67 7.93 -8.05
C ILE A 28 -14.08 6.71 -8.76
N TYR A 29 -13.73 6.85 -10.03
CA TYR A 29 -13.04 5.77 -10.73
C TYR A 29 -11.87 5.24 -9.92
N SER A 30 -11.07 6.15 -9.39
CA SER A 30 -9.85 5.76 -8.66
CA SER A 30 -9.86 5.74 -8.69
C SER A 30 -10.21 5.03 -7.38
N LEU A 31 -11.30 5.41 -6.75
CA LEU A 31 -11.72 4.68 -5.58
C LEU A 31 -12.21 3.28 -5.94
N LYS A 32 -12.87 3.17 -7.09
CA LYS A 32 -13.39 1.89 -7.53
C LYS A 32 -12.24 0.91 -7.84
N VAL A 33 -11.16 1.45 -8.41
CA VAL A 33 -9.98 0.64 -8.66
C VAL A 33 -9.37 0.21 -7.32
N ALA A 34 -9.18 1.17 -6.41
CA ALA A 34 -8.61 0.88 -5.08
C ALA A 34 -9.42 -0.16 -4.35
N ASN A 35 -10.73 -0.10 -4.52
CA ASN A 35 -11.63 -0.97 -3.79
C ASN A 35 -11.54 -2.43 -4.24
N GLU A 36 -10.95 -2.65 -5.40
CA GLU A 36 -10.72 -4.00 -5.90
C GLU A 36 -9.49 -4.64 -5.27
N ALA A 37 -8.74 -3.85 -4.50
CA ALA A 37 -7.54 -4.37 -3.89
C ALA A 37 -7.83 -5.43 -2.85
N PRO A 38 -6.84 -6.31 -2.62
CA PRO A 38 -6.91 -7.27 -1.52
C PRO A 38 -6.90 -6.54 -0.16
N SER A 39 -7.33 -7.23 0.89
CA SER A 39 -7.24 -6.70 2.24
C SER A 39 -7.34 -7.85 3.21
N GLY A 40 -6.89 -7.60 4.43
CA GLY A 40 -6.95 -8.62 5.46
C GLY A 40 -8.40 -9.01 5.68
N MET A 41 -8.65 -10.32 5.63
CA MET A 41 -9.98 -10.90 5.78
C MET A 41 -11.03 -10.31 4.85
N ASN A 42 -10.56 -9.82 3.71
CA ASN A 42 -11.38 -9.09 2.76
C ASN A 42 -12.26 -8.06 3.41
N ALA A 43 -11.75 -7.43 4.46
CA ALA A 43 -12.55 -6.46 5.21
C ALA A 43 -12.81 -5.19 4.42
N GLN A 44 -11.99 -4.93 3.42
CA GLN A 44 -12.08 -3.68 2.65
C GLN A 44 -12.08 -2.50 3.62
N PRO A 45 -10.99 -2.37 4.40
CA PRO A 45 -11.00 -1.48 5.56
C PRO A 45 -10.77 0.00 5.22
N TRP A 46 -10.86 0.35 3.96
CA TRP A 46 -10.68 1.74 3.53
C TRP A 46 -12.00 2.46 3.59
N ARG A 47 -11.96 3.73 3.97
CA ARG A 47 -13.13 4.62 3.90
C ARG A 47 -12.67 5.92 3.29
N PHE A 48 -13.50 6.49 2.42
CA PHE A 48 -13.14 7.70 1.72
C PHE A 48 -14.05 8.89 2.07
N LEU A 49 -13.38 10.01 2.32
CA LEU A 49 -14.05 11.26 2.57
C LEU A 49 -13.55 12.26 1.57
N ILE A 50 -14.46 12.79 0.76
CA ILE A 50 -14.08 13.73 -0.27
C ILE A 50 -14.37 15.13 0.22
N VAL A 51 -13.31 15.88 0.47
CA VAL A 51 -13.46 17.25 0.94
C VAL A 51 -13.30 18.25 -0.21
N GLU A 52 -14.32 19.07 -0.37
CA GLU A 52 -14.36 20.05 -1.44
C GLU A 52 -14.68 21.45 -0.91
N ASP A 53 -15.33 21.50 0.23
CA ASP A 53 -15.77 22.78 0.79
C ASP A 53 -14.57 23.67 1.06
N GLU A 54 -14.59 24.88 0.53
CA GLU A 54 -13.43 25.74 0.60
C GLU A 54 -13.09 26.11 2.04
N LYS A 55 -14.10 26.44 2.83
CA LYS A 55 -13.86 26.80 4.22
C LYS A 55 -13.19 25.62 4.96
N LEU A 56 -13.72 24.42 4.77
CA LEU A 56 -13.15 23.26 5.43
C LEU A 56 -11.73 22.95 4.93
N LYS A 57 -11.48 23.11 3.63
CA LYS A 57 -10.13 22.93 3.12
C LYS A 57 -9.18 23.90 3.82
N GLY A 58 -9.63 25.13 4.03
CA GLY A 58 -8.79 26.13 4.67
C GLY A 58 -8.49 25.71 6.10
N GLN A 59 -9.48 25.18 6.79
CA GLN A 59 -9.32 24.77 8.19
C GLN A 59 -8.29 23.65 8.27
N ILE A 60 -8.45 22.68 7.38
CA ILE A 60 -7.54 21.56 7.28
C ILE A 60 -6.13 22.10 6.94
N ARG A 61 -6.03 23.00 5.96
CA ARG A 61 -4.72 23.55 5.58
CA ARG A 61 -4.72 23.50 5.59
C ARG A 61 -4.03 24.19 6.78
N ARG A 62 -4.77 25.02 7.51
CA ARG A 62 -4.13 25.77 8.58
C ARG A 62 -3.76 24.85 9.73
N VAL A 63 -4.60 23.89 10.06
CA VAL A 63 -4.21 22.91 11.08
C VAL A 63 -2.94 22.15 10.71
N CYS A 64 -2.86 21.72 9.45
CA CYS A 64 -1.67 21.00 8.99
C CYS A 64 -0.43 21.88 8.99
N GLU A 65 -0.60 23.10 8.52
CA GLU A 65 0.51 24.05 8.45
C GLU A 65 1.04 24.31 9.84
N ARG A 66 0.14 24.45 10.80
CA ARG A 66 0.59 24.72 12.16
C ARG A 66 1.41 23.55 12.65
N SER A 67 0.87 22.36 12.44
CA SER A 67 1.53 21.11 12.84
C SER A 67 2.89 21.01 12.17
N GLU A 68 2.93 21.32 10.87
CA GLU A 68 4.15 21.26 10.08
C GLU A 68 5.16 22.28 10.57
N LYS A 69 4.68 23.48 10.90
CA LYS A 69 5.61 24.52 11.31
C LYS A 69 6.39 24.10 12.55
N THR A 70 5.69 23.51 13.50
CA THR A 70 6.33 22.97 14.70
C THR A 70 7.27 21.81 14.35
N PHE A 71 6.84 20.95 13.46
CA PHE A 71 7.67 19.83 13.05
C PHE A 71 8.95 20.35 12.41
N TYR A 72 8.85 21.41 11.61
CA TYR A 72 10.02 21.92 10.88
C TYR A 72 11.01 22.56 11.82
N GLU A 73 10.51 23.04 12.95
CA GLU A 73 11.36 23.53 14.03
C GLU A 73 12.13 22.41 14.72
N ASN A 74 11.63 21.18 14.63
CA ASN A 74 12.11 20.10 15.48
C ASN A 74 12.71 18.90 14.76
N VAL A 75 12.44 18.80 13.46
CA VAL A 75 12.90 17.66 12.67
C VAL A 75 14.44 17.65 12.59
N ARG A 76 15.02 16.46 12.61
CA ARG A 76 16.47 16.33 12.47
C ARG A 76 16.78 15.11 11.61
N GLY A 77 18.07 14.79 11.53
CA GLY A 77 18.49 13.59 10.83
C GLY A 77 18.24 13.62 9.35
N ARG A 78 18.05 12.43 8.78
CA ARG A 78 17.99 12.26 7.34
C ARG A 78 16.78 12.98 6.76
N LEU A 79 15.67 12.99 7.49
CA LEU A 79 14.47 13.67 7.00
C LEU A 79 14.68 15.18 6.91
N LYS A 80 15.23 15.78 7.96
CA LYS A 80 15.58 17.21 7.88
C LYS A 80 16.53 17.49 6.72
N GLU A 81 17.53 16.66 6.54
CA GLU A 81 18.51 16.88 5.48
C GLU A 81 17.86 16.85 4.09
N TRP A 82 16.96 15.89 3.90
CA TRP A 82 16.25 15.72 2.64
C TRP A 82 15.28 16.89 2.40
N LEU A 83 14.51 17.25 3.42
CA LEU A 83 13.59 18.38 3.29
C LEU A 83 14.32 19.69 3.00
N ASP A 84 15.44 19.87 3.68
CA ASP A 84 16.21 21.10 3.49
C ASP A 84 16.74 21.17 2.09
N GLU A 85 17.29 20.07 1.61
CA GLU A 85 17.93 20.08 0.30
C GLU A 85 16.91 20.34 -0.80
N LYS A 86 15.67 19.91 -0.58
CA LYS A 86 14.63 20.12 -1.56
C LYS A 86 13.78 21.36 -1.29
N ARG A 87 14.19 22.13 -0.29
CA ARG A 87 13.57 23.40 0.03
C ARG A 87 12.05 23.26 0.31
N PHE A 88 11.69 22.16 0.95
CA PHE A 88 10.35 22.03 1.54
C PHE A 88 10.18 23.04 2.66
N THR A 89 8.94 23.50 2.91
CA THR A 89 8.67 24.22 4.14
C THR A 89 7.33 23.78 4.69
N TRP A 90 6.90 24.41 5.77
CA TRP A 90 5.66 24.01 6.44
C TRP A 90 4.39 24.47 5.75
N ARG A 91 4.53 25.40 4.81
CA ARG A 91 3.42 25.94 4.06
C ARG A 91 2.89 24.87 3.12
N LYS A 92 1.57 24.71 3.08
CA LYS A 92 0.93 23.67 2.26
C LYS A 92 -0.19 24.25 1.45
N PRO A 93 0.15 25.12 0.50
CA PRO A 93 -0.87 25.77 -0.33
C PRO A 93 -1.71 24.77 -1.13
N PHE A 94 -1.20 23.58 -1.43
CA PHE A 94 -1.96 22.66 -2.24
C PHE A 94 -3.20 22.16 -1.51
N LEU A 95 -3.22 22.28 -0.18
CA LEU A 95 -4.39 21.87 0.57
C LEU A 95 -5.58 22.80 0.37
N LYS A 96 -5.31 24.02 -0.06
CA LYS A 96 -6.36 24.91 -0.53
C LYS A 96 -6.55 24.83 -2.06
N GLU A 97 -5.46 24.70 -2.81
CA GLU A 97 -5.57 24.87 -4.26
C GLU A 97 -6.15 23.65 -4.94
N ALA A 98 -5.95 22.48 -4.36
CA ALA A 98 -6.49 21.27 -4.95
C ALA A 98 -8.01 21.30 -4.87
N PRO A 99 -8.69 20.89 -5.95
CA PRO A 99 -10.15 20.95 -5.91
C PRO A 99 -10.76 19.90 -4.99
N TYR A 100 -10.05 18.79 -4.79
CA TYR A 100 -10.47 17.77 -3.87
C TYR A 100 -9.37 17.54 -2.85
N LEU A 101 -9.76 17.34 -1.60
CA LEU A 101 -8.90 16.63 -0.66
C LEU A 101 -9.55 15.29 -0.38
N LEU A 102 -8.92 14.21 -0.82
CA LEU A 102 -9.43 12.87 -0.56
C LEU A 102 -8.79 12.37 0.71
N LEU A 103 -9.60 12.26 1.74
CA LEU A 103 -9.13 11.78 3.01
C LEU A 103 -9.43 10.29 3.03
N VAL A 104 -8.38 9.52 3.30
CA VAL A 104 -8.44 8.07 3.28
C VAL A 104 -8.27 7.57 4.69
N PHE A 105 -9.25 6.81 5.14
CA PHE A 105 -9.27 6.27 6.49
C PHE A 105 -9.14 4.77 6.51
N SER A 106 -8.63 4.24 7.61
CA SER A 106 -8.59 2.79 7.82
C SER A 106 -9.49 2.42 8.98
N GLU A 107 -10.16 1.29 8.82
CA GLU A 107 -11.02 0.75 9.87
CA GLU A 107 -11.00 0.74 9.85
C GLU A 107 -10.12 0.06 10.91
N LYS A 108 -9.99 0.68 12.07
CA LYS A 108 -9.01 0.21 13.06
C LYS A 108 -9.18 -1.24 13.46
N SER A 109 -10.42 -1.70 13.48
CA SER A 109 -10.72 -3.02 14.02
C SER A 109 -10.39 -4.12 13.02
N ALA A 110 -10.24 -3.76 11.75
CA ALA A 110 -9.99 -4.77 10.73
C ALA A 110 -8.57 -5.31 10.83
N PRO A 111 -8.37 -6.59 10.51
CA PRO A 111 -7.03 -7.16 10.54
C PRO A 111 -6.13 -6.59 9.46
N TYR A 112 -4.90 -6.23 9.80
CA TYR A 112 -3.98 -5.62 8.86
C TYR A 112 -4.67 -4.48 8.13
N SER A 113 -5.47 -3.71 8.87
CA SER A 113 -6.17 -2.58 8.32
C SER A 113 -5.24 -1.53 7.67
N ARG A 114 -4.15 -1.14 8.33
CA ARG A 114 -3.29 -0.10 7.80
C ARG A 114 -2.53 -0.58 6.56
N GLU A 115 -1.98 -1.80 6.65
CA GLU A 115 -1.30 -2.40 5.52
C GLU A 115 -2.23 -2.47 4.32
N SER A 116 -3.46 -2.92 4.58
CA SER A 116 -4.40 -3.05 3.48
C SER A 116 -4.78 -1.72 2.84
N VAL A 117 -5.00 -0.71 3.66
CA VAL A 117 -5.35 0.59 3.10
C VAL A 117 -4.18 1.18 2.32
N TRP A 118 -2.96 1.06 2.82
CA TRP A 118 -1.84 1.62 2.05
C TRP A 118 -1.62 0.87 0.73
N LEU A 119 -1.88 -0.42 0.72
CA LEU A 119 -1.87 -1.18 -0.51
C LEU A 119 -2.87 -0.63 -1.51
N ALA A 120 -4.12 -0.47 -1.07
CA ALA A 120 -5.15 0.14 -1.89
C ALA A 120 -4.76 1.55 -2.36
N VAL A 121 -4.08 2.32 -1.51
CA VAL A 121 -3.61 3.65 -1.95
C VAL A 121 -2.65 3.52 -3.14
N GLY A 122 -1.83 2.48 -3.18
CA GLY A 122 -1.00 2.25 -4.35
C GLY A 122 -1.85 2.05 -5.59
N TYR A 123 -2.90 1.25 -5.50
CA TYR A 123 -3.85 1.12 -6.59
C TYR A 123 -4.41 2.49 -7.00
N LEU A 124 -4.83 3.21 -5.99
CA LEU A 124 -5.51 4.49 -6.16
C LEU A 124 -4.64 5.47 -6.92
N LEU A 125 -3.36 5.54 -6.54
CA LEU A 125 -2.47 6.48 -7.20
C LEU A 125 -2.28 6.14 -8.67
N LEU A 126 -2.15 4.87 -8.99
CA LEU A 126 -2.01 4.48 -10.38
C LEU A 126 -3.28 4.80 -11.16
N ALA A 127 -4.43 4.58 -10.54
CA ALA A 127 -5.69 4.93 -11.18
C ALA A 127 -5.79 6.43 -11.44
N LEU A 128 -5.37 7.25 -10.49
CA LEU A 128 -5.43 8.68 -10.72
C LEU A 128 -4.56 9.08 -11.90
N GLU A 129 -3.38 8.46 -11.98
CA GLU A 129 -2.49 8.71 -13.09
C GLU A 129 -3.14 8.32 -14.40
N GLU A 130 -3.78 7.17 -14.42
CA GLU A 130 -4.48 6.77 -15.63
C GLU A 130 -5.48 7.83 -16.10
N LYS A 131 -6.08 8.54 -15.15
CA LYS A 131 -7.10 9.54 -15.46
C LYS A 131 -6.53 10.93 -15.67
N GLY A 132 -5.21 11.06 -15.59
CA GLY A 132 -4.55 12.34 -15.79
C GLY A 132 -4.66 13.27 -14.60
N LEU A 133 -4.97 12.71 -13.43
CA LEU A 133 -5.05 13.49 -12.21
C LEU A 133 -3.75 13.32 -11.48
N GLY A 134 -3.48 14.27 -10.60
CA GLY A 134 -2.27 14.26 -9.82
C GLY A 134 -2.61 14.20 -8.35
N SER A 135 -1.66 13.75 -7.56
CA SER A 135 -1.86 13.76 -6.12
CA SER A 135 -1.86 13.56 -6.14
C SER A 135 -0.54 13.65 -5.38
N VAL A 136 -0.64 13.71 -4.07
CA VAL A 136 0.51 13.55 -3.20
C VAL A 136 0.00 12.94 -1.91
N PRO A 137 0.65 11.87 -1.42
CA PRO A 137 0.23 11.32 -0.14
C PRO A 137 0.69 12.24 0.95
N TYR A 138 -0.21 13.10 1.39
CA TYR A 138 0.19 14.10 2.36
C TYR A 138 -0.09 13.60 3.75
N THR A 139 0.96 13.62 4.58
CA THR A 139 0.89 13.08 5.92
C THR A 139 1.43 14.12 6.90
N PRO A 140 0.56 14.94 7.48
CA PRO A 140 1.02 15.92 8.49
C PRO A 140 1.48 15.23 9.76
N PRO A 141 2.22 15.93 10.62
CA PRO A 141 2.78 15.33 11.83
C PRO A 141 1.71 14.79 12.76
N ASP A 142 0.58 15.48 12.81
CA ASP A 142 -0.51 15.13 13.70
C ASP A 142 -1.79 15.09 12.88
N PHE A 143 -2.52 13.99 13.01
CA PHE A 143 -3.77 13.81 12.27
C PHE A 143 -4.99 14.07 13.12
N ARG A 144 -4.79 14.14 14.44
CA ARG A 144 -5.92 14.16 15.38
C ARG A 144 -6.81 15.36 15.17
N GLU A 145 -6.20 16.50 14.88
CA GLU A 145 -6.97 17.70 14.75
C GLU A 145 -7.71 17.74 13.42
N VAL A 146 -7.12 17.16 12.39
CA VAL A 146 -7.80 17.04 11.12
C VAL A 146 -8.97 16.07 11.26
N GLU A 147 -8.75 14.97 11.98
CA GLU A 147 -9.81 14.00 12.20
C GLU A 147 -10.98 14.66 12.88
N LYS A 148 -10.69 15.52 13.86
CA LYS A 148 -11.76 16.20 14.57
C LYS A 148 -12.52 17.16 13.67
N LEU A 149 -11.80 17.86 12.81
CA LEU A 149 -12.43 18.81 11.89
C LEU A 149 -13.52 18.20 11.02
N VAL A 150 -13.37 16.94 10.69
CA VAL A 150 -14.34 16.29 9.81
C VAL A 150 -15.21 15.28 10.58
N ASN A 151 -15.18 15.32 11.90
CA ASN A 151 -16.05 14.50 12.73
CA ASN A 151 -16.05 14.50 12.73
C ASN A 151 -15.81 13.01 12.53
N THR A 152 -14.54 12.63 12.45
CA THR A 152 -14.15 11.25 12.26
C THR A 152 -14.66 10.40 13.40
N PRO A 153 -15.33 9.29 13.07
CA PRO A 153 -15.76 8.42 14.17
C PRO A 153 -14.59 7.69 14.77
N SER A 154 -14.69 7.30 16.03
CA SER A 154 -13.57 6.72 16.71
C SER A 154 -13.07 5.45 16.02
N GLU A 155 -13.94 4.81 15.22
CA GLU A 155 -13.59 3.54 14.59
C GLU A 155 -12.61 3.66 13.43
N LEU A 156 -12.37 4.90 13.00
CA LEU A 156 -11.60 5.15 11.80
C LEU A 156 -10.37 5.96 12.12
N ARG A 157 -9.29 5.65 11.39
CA ARG A 157 -8.03 6.30 11.54
C ARG A 157 -7.70 6.99 10.23
N LEU A 158 -7.47 8.30 10.28
CA LEU A 158 -7.08 9.00 9.06
C LEU A 158 -5.68 8.58 8.70
N GLU A 159 -5.52 8.00 7.51
CA GLU A 159 -4.21 7.55 7.05
C GLU A 159 -3.45 8.57 6.25
N VAL A 160 -4.16 9.24 5.36
CA VAL A 160 -3.50 10.12 4.42
C VAL A 160 -4.47 11.11 3.87
N ILE A 161 -3.96 12.30 3.57
CA ILE A 161 -4.67 13.31 2.80
C ILE A 161 -4.11 13.31 1.39
N LEU A 162 -4.96 13.01 0.41
CA LEU A 162 -4.59 13.01 -0.99
C LEU A 162 -5.24 14.18 -1.69
N PRO A 163 -4.54 15.31 -1.80
CA PRO A 163 -5.05 16.37 -2.66
C PRO A 163 -5.11 15.82 -4.06
N VAL A 164 -6.20 16.07 -4.79
CA VAL A 164 -6.39 15.53 -6.12
C VAL A 164 -6.87 16.64 -7.02
N GLY A 165 -6.26 16.75 -8.19
CA GLY A 165 -6.66 17.74 -9.15
C GLY A 165 -5.91 17.53 -10.42
N TYR A 166 -6.13 18.44 -11.37
CA TYR A 166 -5.33 18.44 -12.57
C TYR A 166 -3.95 19.01 -12.25
N PRO A 167 -2.91 18.32 -12.68
CA PRO A 167 -1.58 18.86 -12.37
C PRO A 167 -1.32 20.16 -13.11
N ASP A 168 -0.59 21.05 -12.46
CA ASP A 168 -0.22 22.32 -13.06
C ASP A 168 1.29 22.36 -13.19
N ASP A 169 1.78 21.71 -14.24
CA ASP A 169 3.22 21.63 -14.52
C ASP A 169 4.00 21.26 -13.26
N PRO A 170 3.75 20.07 -12.74
CA PRO A 170 4.44 19.59 -11.54
C PRO A 170 5.91 19.41 -11.78
N LYS A 171 6.69 19.49 -10.70
CA LYS A 171 8.13 19.37 -10.86
C LYS A 171 8.50 17.91 -11.16
N PRO A 172 9.68 17.70 -11.73
CA PRO A 172 10.06 16.36 -12.18
C PRO A 172 10.16 15.30 -11.09
N LYS A 173 9.93 14.08 -11.53
CA LYS A 173 10.04 12.92 -10.67
C LYS A 173 11.43 12.88 -10.09
N TYR A 174 11.53 12.51 -8.82
CA TYR A 174 12.84 12.27 -8.22
C TYR A 174 13.43 10.96 -8.72
N PRO A 175 14.74 10.80 -8.54
CA PRO A 175 15.36 9.57 -9.03
C PRO A 175 14.88 8.33 -8.29
N ARG A 176 15.18 7.18 -8.87
CA ARG A 176 14.98 5.93 -8.18
C ARG A 176 16.27 5.12 -8.22
N ASN A 177 16.70 4.69 -7.06
CA ASN A 177 17.77 3.71 -7.00
C ASN A 177 17.32 2.44 -7.64
N GLU A 178 18.28 1.64 -8.09
CA GLU A 178 17.94 0.32 -8.62
C GLU A 178 17.28 -0.49 -7.53
N VAL A 179 16.35 -1.34 -7.91
CA VAL A 179 15.64 -2.11 -6.90
C VAL A 179 16.63 -3.10 -6.28
N ILE A 180 16.46 -3.39 -4.99
CA ILE A 180 17.45 -4.18 -4.26
C ILE A 180 16.86 -5.54 -4.02
N VAL A 181 17.42 -6.52 -4.72
CA VAL A 181 16.91 -7.89 -4.72
C VAL A 181 18.00 -8.84 -4.28
N ARG A 182 17.70 -9.64 -3.28
CA ARG A 182 18.58 -10.67 -2.76
C ARG A 182 17.92 -12.00 -2.97
N TYR A 183 18.72 -13.07 -2.90
CA TYR A 183 18.20 -14.42 -3.13
C TYR A 183 18.46 -15.35 -1.97
N ASN A 184 17.38 -16.03 -1.61
CA ASN A 184 17.29 -17.01 -0.52
C ASN A 184 17.56 -16.50 0.87
N THR A 185 18.76 -16.00 1.13
CA THR A 185 19.07 -15.39 2.43
C THR A 185 19.95 -14.16 2.29
N PHE A 186 19.99 -13.36 3.36
CA PHE A 186 20.85 -12.21 3.44
C PHE A 186 22.26 -12.73 3.73
N MET B 3 -7.12 -1.50 -19.36
CA MET B 3 -7.55 -0.55 -18.35
C MET B 3 -7.17 -1.05 -16.97
N LEU B 4 -6.74 -0.14 -16.12
CA LEU B 4 -6.29 -0.50 -14.80
C LEU B 4 -7.38 -1.13 -13.95
N TYR B 5 -8.61 -0.63 -14.08
CA TYR B 5 -9.71 -1.21 -13.34
C TYR B 5 -9.84 -2.69 -13.69
N ASP B 6 -9.66 -3.04 -14.97
CA ASP B 6 -9.78 -4.43 -15.38
C ASP B 6 -8.72 -5.30 -14.71
N LEU B 7 -7.49 -4.81 -14.67
CA LEU B 7 -6.40 -5.49 -14.02
C LEU B 7 -6.70 -5.68 -12.52
N ALA B 8 -7.16 -4.63 -11.86
CA ALA B 8 -7.43 -4.69 -10.43
C ALA B 8 -8.62 -5.59 -10.14
N LYS B 9 -9.64 -5.49 -10.99
CA LYS B 9 -10.86 -6.29 -10.77
C LYS B 9 -10.57 -7.76 -10.93
N LYS B 10 -9.76 -8.10 -11.94
CA LYS B 10 -9.48 -9.51 -12.22
C LYS B 10 -8.55 -10.14 -11.19
N ARG B 11 -7.64 -9.36 -10.65
CA ARG B 11 -6.71 -9.91 -9.69
C ARG B 11 -7.44 -10.45 -8.46
N LYS B 12 -7.10 -11.67 -8.09
CA LYS B 12 -7.65 -12.32 -6.91
C LYS B 12 -6.51 -13.03 -6.24
N THR B 13 -6.72 -13.46 -5.01
CA THR B 13 -5.75 -14.29 -4.33
C THR B 13 -5.48 -15.58 -5.06
N VAL B 14 -4.23 -15.98 -5.08
CA VAL B 14 -3.84 -17.27 -5.62
C VAL B 14 -3.05 -17.96 -4.53
N ARG B 15 -3.55 -19.12 -4.09
CA ARG B 15 -2.93 -19.89 -3.03
C ARG B 15 -2.52 -21.27 -3.50
N ARG B 16 -2.69 -21.50 -4.80
CA ARG B 16 -2.37 -22.78 -5.41
C ARG B 16 -1.72 -22.47 -6.72
N PHE B 17 -0.59 -23.11 -6.95
CA PHE B 17 0.26 -22.75 -8.05
C PHE B 17 0.61 -23.95 -8.88
N LYS B 18 0.85 -23.70 -10.16
CA LYS B 18 1.38 -24.73 -11.05
C LYS B 18 2.77 -25.14 -10.60
N LYS B 19 3.18 -26.32 -11.05
CA LYS B 19 4.50 -26.84 -10.70
C LYS B 19 5.60 -26.05 -11.41
N GLU B 20 5.32 -25.61 -12.63
CA GLU B 20 6.35 -24.95 -13.43
C GLU B 20 6.77 -23.62 -12.80
N LYS B 21 8.06 -23.31 -12.88
CA LYS B 21 8.56 -22.05 -12.32
C LYS B 21 8.51 -20.95 -13.37
N PRO B 22 7.85 -19.82 -13.07
CA PRO B 22 7.89 -18.72 -14.03
C PRO B 22 9.28 -18.18 -14.17
N PRO B 23 9.56 -17.51 -15.29
CA PRO B 23 10.89 -16.90 -15.45
C PRO B 23 11.09 -15.78 -14.43
N LEU B 24 12.31 -15.68 -13.91
CA LEU B 24 12.64 -14.69 -12.92
C LEU B 24 12.35 -13.27 -13.42
N GLU B 25 12.50 -13.07 -14.73
CA GLU B 25 12.27 -11.76 -15.34
C GLU B 25 10.95 -11.16 -14.97
N ASP B 26 9.94 -12.00 -14.82
CA ASP B 26 8.62 -11.47 -14.61
C ASP B 26 8.48 -11.00 -13.18
N LEU B 27 9.19 -11.64 -12.26
CA LEU B 27 9.17 -11.18 -10.87
C LEU B 27 9.95 -9.88 -10.81
N ILE B 28 11.11 -9.88 -11.47
CA ILE B 28 11.93 -8.69 -11.44
C ILE B 28 11.20 -7.50 -12.07
N TYR B 29 10.52 -7.72 -13.19
CA TYR B 29 9.67 -6.69 -13.76
C TYR B 29 8.73 -6.10 -12.69
N SER B 30 8.09 -6.97 -11.91
CA SER B 30 7.10 -6.51 -10.93
CA SER B 30 7.10 -6.53 -10.93
C SER B 30 7.78 -5.72 -9.83
N LEU B 31 9.00 -6.09 -9.50
CA LEU B 31 9.71 -5.35 -8.48
C LEU B 31 10.12 -3.98 -9.00
N LYS B 32 10.49 -3.91 -10.28
CA LYS B 32 10.84 -2.64 -10.91
C LYS B 32 9.64 -1.72 -10.99
N VAL B 33 8.45 -2.28 -11.20
CA VAL B 33 7.25 -1.48 -11.13
C VAL B 33 7.06 -0.94 -9.71
N ALA B 34 7.18 -1.82 -8.72
CA ALA B 34 7.00 -1.44 -7.32
C ALA B 34 7.97 -0.34 -6.96
N ASN B 35 9.17 -0.46 -7.49
CA ASN B 35 10.25 0.47 -7.17
C ASN B 35 9.99 1.87 -7.68
N GLU B 36 9.07 2.00 -8.63
CA GLU B 36 8.67 3.30 -9.13
C GLU B 36 7.68 4.01 -8.24
N ALA B 37 7.14 3.30 -7.24
CA ALA B 37 6.16 3.87 -6.35
C ALA B 37 6.75 5.02 -5.56
N PRO B 38 5.87 5.91 -5.10
CA PRO B 38 6.30 6.97 -4.18
C PRO B 38 6.65 6.39 -2.84
N SER B 39 7.37 7.15 -2.03
CA SER B 39 7.70 6.72 -0.67
C SER B 39 8.05 7.98 0.11
N GLY B 40 7.92 7.90 1.43
CA GLY B 40 8.23 9.01 2.31
C GLY B 40 9.70 9.40 2.06
N MET B 41 9.92 10.71 1.94
CA MET B 41 11.22 11.29 1.56
C MET B 41 11.97 10.52 0.46
N ASN B 42 11.21 9.94 -0.46
CA ASN B 42 11.76 9.13 -1.55
C ASN B 42 12.81 8.15 -1.06
N ALA B 43 12.58 7.57 0.11
CA ALA B 43 13.57 6.70 0.71
C ALA B 43 13.59 5.34 0.01
N GLN B 44 12.54 5.01 -0.73
CA GLN B 44 12.43 3.69 -1.37
C GLN B 44 12.77 2.59 -0.36
N PRO B 45 12.02 2.52 0.73
CA PRO B 45 12.39 1.72 1.90
C PRO B 45 12.07 0.22 1.78
N TRP B 46 11.79 -0.24 0.57
CA TRP B 46 11.50 -1.64 0.30
C TRP B 46 12.76 -2.41 -0.05
N ARG B 47 12.85 -3.63 0.46
CA ARG B 47 13.87 -4.57 0.09
C ARG B 47 13.22 -5.89 -0.19
N PHE B 48 13.77 -6.62 -1.16
CA PHE B 48 13.15 -7.87 -1.61
C PHE B 48 14.12 -9.02 -1.49
N LEU B 49 13.58 -10.14 -1.02
CA LEU B 49 14.32 -11.37 -0.93
C LEU B 49 13.51 -12.41 -1.65
N ILE B 50 14.08 -12.95 -2.71
CA ILE B 50 13.44 -14.04 -3.45
C ILE B 50 13.98 -15.38 -3.01
N VAL B 51 13.10 -16.17 -2.40
CA VAL B 51 13.46 -17.48 -1.89
C VAL B 51 13.02 -18.54 -2.87
N GLU B 52 13.98 -19.32 -3.34
CA GLU B 52 13.71 -20.40 -4.30
C GLU B 52 14.12 -21.75 -3.74
N ASP B 53 15.04 -21.75 -2.79
CA ASP B 53 15.63 -22.97 -2.30
C ASP B 53 14.55 -23.82 -1.63
N GLU B 54 14.45 -25.06 -2.05
CA GLU B 54 13.38 -25.91 -1.57
C GLU B 54 13.41 -26.20 -0.07
N LYS B 55 14.61 -26.39 0.49
CA LYS B 55 14.76 -26.68 1.91
C LYS B 55 14.33 -25.48 2.73
N LEU B 56 14.76 -24.31 2.30
CA LEU B 56 14.42 -23.07 2.97
C LEU B 56 12.91 -22.80 2.90
N LYS B 57 12.30 -22.95 1.74
CA LYS B 57 10.85 -22.80 1.65
C LYS B 57 10.17 -23.77 2.61
N GLY B 58 10.70 -24.99 2.70
CA GLY B 58 10.16 -25.97 3.61
C GLY B 58 10.26 -25.52 5.04
N GLN B 59 11.40 -24.93 5.41
CA GLN B 59 11.55 -24.43 6.76
C GLN B 59 10.57 -23.31 7.03
N ILE B 60 10.41 -22.44 6.06
CA ILE B 60 9.51 -21.31 6.23
C ILE B 60 8.11 -21.84 6.39
N ARG B 61 7.75 -22.80 5.54
CA ARG B 61 6.42 -23.41 5.61
C ARG B 61 6.16 -24.00 6.99
N ARG B 62 7.11 -24.81 7.45
CA ARG B 62 6.95 -25.47 8.75
C ARG B 62 6.87 -24.48 9.90
N VAL B 63 7.67 -23.41 9.86
CA VAL B 63 7.65 -22.43 10.93
C VAL B 63 6.29 -21.74 10.97
N CYS B 64 5.80 -21.37 9.79
CA CYS B 64 4.55 -20.64 9.72
C CYS B 64 3.40 -21.54 10.14
N GLU B 65 3.42 -22.79 9.68
CA GLU B 65 2.35 -23.71 10.01
C GLU B 65 2.29 -23.97 11.50
N ARG B 66 3.44 -24.14 12.14
CA ARG B 66 3.42 -24.37 13.58
C ARG B 66 2.77 -23.20 14.31
N SER B 67 3.08 -21.98 13.88
CA SER B 67 2.49 -20.79 14.46
C SER B 67 1.00 -20.67 14.14
N GLU B 68 0.65 -21.00 12.91
CA GLU B 68 -0.77 -21.00 12.54
C GLU B 68 -1.57 -22.04 13.32
N LYS B 69 -0.96 -23.20 13.62
CA LYS B 69 -1.69 -24.23 14.37
C LYS B 69 -2.19 -23.65 15.67
N THR B 70 -1.29 -22.97 16.37
CA THR B 70 -1.62 -22.34 17.62
C THR B 70 -2.65 -21.25 17.40
N PHE B 71 -2.47 -20.46 16.36
CA PHE B 71 -3.44 -19.41 16.05
C PHE B 71 -4.83 -20.00 15.88
N TYR B 72 -4.91 -21.10 15.14
CA TYR B 72 -6.21 -21.67 14.82
C TYR B 72 -6.84 -22.39 16.04
N GLU B 73 -6.01 -22.90 16.94
CA GLU B 73 -6.49 -23.50 18.17
C GLU B 73 -7.32 -22.50 18.96
N ASN B 74 -6.88 -21.24 18.93
CA ASN B 74 -7.40 -20.22 19.82
C ASN B 74 -8.33 -19.18 19.24
N VAL B 75 -8.27 -18.97 17.92
CA VAL B 75 -9.00 -17.88 17.29
C VAL B 75 -10.48 -18.01 17.59
N ARG B 76 -11.16 -16.89 17.76
CA ARG B 76 -12.58 -16.94 18.06
C ARG B 76 -13.35 -15.80 17.40
N GLY B 77 -14.65 -15.76 17.64
CA GLY B 77 -15.43 -14.60 17.22
C GLY B 77 -15.49 -14.41 15.71
N ARG B 78 -15.60 -13.15 15.30
CA ARG B 78 -15.69 -12.76 13.89
C ARG B 78 -14.59 -13.38 13.02
N LEU B 79 -13.38 -13.33 13.55
CA LEU B 79 -12.21 -13.85 12.87
C LEU B 79 -12.39 -15.30 12.56
N LYS B 80 -12.73 -16.06 13.60
CA LYS B 80 -12.93 -17.49 13.47
C LYS B 80 -13.99 -17.76 12.41
N GLU B 81 -15.09 -17.02 12.48
CA GLU B 81 -16.21 -17.29 11.57
C GLU B 81 -15.81 -17.06 10.14
N TRP B 82 -15.02 -16.02 9.87
CA TRP B 82 -14.62 -15.74 8.50
C TRP B 82 -13.66 -16.83 7.99
N LEU B 83 -12.69 -17.19 8.81
CA LEU B 83 -11.75 -18.21 8.40
C LEU B 83 -12.47 -19.53 8.19
N ASP B 84 -13.44 -19.83 9.05
CA ASP B 84 -14.19 -21.07 8.89
C ASP B 84 -15.03 -21.08 7.62
N GLU B 85 -15.66 -19.97 7.30
CA GLU B 85 -16.58 -19.94 6.20
C GLU B 85 -15.81 -20.02 4.89
N LYS B 86 -14.58 -19.52 4.89
CA LYS B 86 -13.70 -19.56 3.71
C LYS B 86 -12.85 -20.84 3.68
N ARG B 87 -13.03 -21.68 4.70
CA ARG B 87 -12.36 -22.96 4.85
C ARG B 87 -10.82 -22.86 4.93
N PHE B 88 -10.33 -21.80 5.58
CA PHE B 88 -8.90 -21.73 5.95
C PHE B 88 -8.58 -22.71 7.08
N THR B 89 -7.36 -23.21 7.11
CA THR B 89 -6.84 -23.97 8.24
C THR B 89 -5.42 -23.48 8.46
N TRP B 90 -4.75 -24.01 9.47
CA TRP B 90 -3.33 -23.70 9.70
C TRP B 90 -2.41 -24.15 8.56
N ARG B 91 -2.91 -24.99 7.67
CA ARG B 91 -2.08 -25.52 6.57
C ARG B 91 -1.75 -24.45 5.53
N LYS B 92 -0.47 -24.32 5.17
CA LYS B 92 -0.04 -23.35 4.18
C LYS B 92 0.89 -24.01 3.18
N PRO B 93 0.39 -25.01 2.44
CA PRO B 93 1.29 -25.76 1.55
C PRO B 93 1.95 -24.89 0.49
N PHE B 94 1.35 -23.75 0.14
CA PHE B 94 1.88 -22.90 -0.90
C PHE B 94 3.23 -22.29 -0.48
N LEU B 95 3.56 -22.32 0.79
CA LEU B 95 4.84 -21.79 1.26
C LEU B 95 5.95 -22.70 0.79
N LYS B 96 5.64 -23.98 0.61
CA LYS B 96 6.61 -24.91 0.06
C LYS B 96 6.44 -25.04 -1.44
N GLU B 97 5.20 -25.09 -1.90
CA GLU B 97 4.94 -25.45 -3.30
C GLU B 97 5.05 -24.33 -4.30
N ALA B 98 4.84 -23.07 -3.89
CA ALA B 98 5.05 -21.97 -4.81
C ALA B 98 6.52 -21.99 -5.26
N PRO B 99 6.78 -21.70 -6.53
CA PRO B 99 8.17 -21.75 -6.99
C PRO B 99 9.05 -20.67 -6.39
N TYR B 100 8.43 -19.53 -6.07
CA TYR B 100 9.13 -18.41 -5.45
C TYR B 100 8.41 -17.98 -4.20
N LEU B 101 9.14 -17.67 -3.14
CA LEU B 101 8.58 -16.84 -2.09
C LEU B 101 9.25 -15.51 -2.20
N LEU B 102 8.46 -14.48 -2.46
CA LEU B 102 8.98 -13.13 -2.50
C LEU B 102 8.72 -12.52 -1.13
N LEU B 103 9.79 -12.34 -0.38
CA LEU B 103 9.71 -11.69 0.93
C LEU B 103 9.98 -10.20 0.78
N VAL B 104 9.05 -9.41 1.31
CA VAL B 104 9.14 -7.96 1.24
C VAL B 104 9.45 -7.41 2.60
N PHE B 105 10.51 -6.62 2.65
CA PHE B 105 10.98 -5.99 3.87
C PHE B 105 10.89 -4.49 3.80
N SER B 106 10.72 -3.86 4.96
CA SER B 106 10.78 -2.41 5.08
C SER B 106 12.05 -1.99 5.86
N GLU B 107 12.58 -0.84 5.50
CA GLU B 107 13.71 -0.27 6.22
C GLU B 107 13.18 0.41 7.48
N LYS B 108 13.48 -0.14 8.65
CA LYS B 108 12.87 0.33 9.88
C LYS B 108 13.08 1.82 10.11
N SER B 109 14.26 2.33 9.77
CA SER B 109 14.60 3.71 10.10
C SER B 109 14.07 4.74 9.13
N ALA B 110 13.70 4.28 7.94
CA ALA B 110 13.18 5.21 6.94
C ALA B 110 11.86 5.75 7.45
N PRO B 111 11.68 7.08 7.39
CA PRO B 111 10.37 7.64 7.74
C PRO B 111 9.28 7.10 6.84
N TYR B 112 8.09 6.84 7.39
CA TYR B 112 6.95 6.39 6.61
C TYR B 112 7.24 5.08 5.88
N SER B 113 8.09 4.24 6.48
CA SER B 113 8.59 3.05 5.79
C SER B 113 7.47 2.03 5.60
N ARG B 114 6.62 1.85 6.60
CA ARG B 114 5.60 0.81 6.50
C ARG B 114 4.54 1.21 5.49
N GLU B 115 4.12 2.47 5.55
CA GLU B 115 3.14 2.99 4.61
C GLU B 115 3.65 2.90 3.18
N SER B 116 4.91 3.25 3.01
CA SER B 116 5.50 3.27 1.69
C SER B 116 5.64 1.88 1.11
N VAL B 117 6.06 0.93 1.92
CA VAL B 117 6.30 -0.41 1.40
C VAL B 117 4.95 -1.01 1.01
N TRP B 118 3.92 -0.82 1.82
CA TRP B 118 2.64 -1.41 1.48
C TRP B 118 2.00 -0.75 0.26
N LEU B 119 2.22 0.54 0.09
CA LEU B 119 1.81 1.21 -1.12
C LEU B 119 2.49 0.52 -2.29
N ALA B 120 3.80 0.34 -2.19
CA ALA B 120 4.56 -0.31 -3.26
C ALA B 120 4.07 -1.75 -3.49
N VAL B 121 3.65 -2.44 -2.43
CA VAL B 121 3.10 -3.81 -2.58
C VAL B 121 1.86 -3.77 -3.46
N GLY B 122 1.10 -2.69 -3.37
CA GLY B 122 -0.02 -2.51 -4.27
C GLY B 122 0.40 -2.52 -5.72
N TYR B 123 1.44 -1.75 -6.03
CA TYR B 123 1.98 -1.73 -7.36
C TYR B 123 2.39 -3.12 -7.77
N LEU B 124 3.07 -3.76 -6.84
CA LEU B 124 3.71 -5.05 -7.09
C LEU B 124 2.65 -6.07 -7.45
N LEU B 125 1.57 -6.08 -6.69
CA LEU B 125 0.53 -7.05 -6.95
C LEU B 125 -0.12 -6.85 -8.32
N LEU B 126 -0.33 -5.59 -8.70
CA LEU B 126 -0.88 -5.31 -10.03
C LEU B 126 0.10 -5.77 -11.11
N ALA B 127 1.39 -5.59 -10.87
CA ALA B 127 2.40 -5.98 -11.85
C ALA B 127 2.43 -7.49 -12.03
N LEU B 128 2.33 -8.22 -10.92
CA LEU B 128 2.29 -9.68 -10.98
C LEU B 128 1.07 -10.13 -11.78
N GLU B 129 -0.07 -9.49 -11.54
CA GLU B 129 -1.26 -9.80 -12.31
C GLU B 129 -1.07 -9.52 -13.79
N GLU B 130 -0.50 -8.37 -14.12
CA GLU B 130 -0.18 -8.04 -15.51
C GLU B 130 0.66 -9.14 -16.17
N LYS B 131 1.59 -9.70 -15.42
CA LYS B 131 2.49 -10.69 -15.94
C LYS B 131 1.93 -12.10 -15.90
N GLY B 132 0.70 -12.21 -15.41
CA GLY B 132 0.00 -13.48 -15.40
C GLY B 132 0.42 -14.37 -14.25
N LEU B 133 1.04 -13.79 -13.23
CA LEU B 133 1.41 -14.56 -12.06
C LEU B 133 0.34 -14.41 -10.96
N GLY B 134 0.33 -15.36 -10.05
CA GLY B 134 -0.55 -15.32 -8.91
C GLY B 134 0.23 -15.04 -7.64
N SER B 135 -0.45 -14.46 -6.67
CA SER B 135 0.19 -14.27 -5.39
C SER B 135 -0.82 -14.22 -4.26
N VAL B 136 -0.31 -14.36 -3.05
CA VAL B 136 -1.11 -14.13 -1.85
C VAL B 136 -0.26 -13.38 -0.84
N PRO B 137 -0.78 -12.27 -0.30
CA PRO B 137 -0.01 -11.58 0.75
C PRO B 137 -0.16 -12.37 2.04
N TYR B 138 0.81 -13.23 2.32
CA TYR B 138 0.72 -14.07 3.48
C TYR B 138 1.46 -13.42 4.65
N THR B 139 0.74 -13.28 5.76
CA THR B 139 1.29 -12.67 6.95
C THR B 139 1.37 -13.73 8.05
N PRO B 140 2.59 -14.15 8.40
CA PRO B 140 2.77 -15.20 9.39
C PRO B 140 2.43 -14.69 10.78
N PRO B 141 2.01 -15.56 11.70
CA PRO B 141 1.67 -15.09 13.06
C PRO B 141 2.89 -14.58 13.80
N ASP B 142 4.06 -15.13 13.49
CA ASP B 142 5.32 -14.77 14.12
C ASP B 142 6.34 -14.41 13.03
N PHE B 143 6.50 -13.11 12.78
CA PHE B 143 7.45 -12.69 11.75
C PHE B 143 8.90 -13.01 12.13
N ARG B 144 9.22 -12.88 13.42
CA ARG B 144 10.62 -12.96 13.83
C ARG B 144 11.22 -14.31 13.48
N GLU B 145 10.45 -15.38 13.65
CA GLU B 145 10.98 -16.70 13.34
C GLU B 145 11.38 -16.80 11.88
N VAL B 146 10.59 -16.19 11.00
CA VAL B 146 10.85 -16.27 9.57
C VAL B 146 12.04 -15.38 9.23
N GLU B 147 12.10 -14.23 9.89
CA GLU B 147 13.19 -13.30 9.65
C GLU B 147 14.54 -13.96 9.94
N LYS B 148 14.59 -14.71 11.02
CA LYS B 148 15.83 -15.38 11.41
C LYS B 148 16.22 -16.46 10.41
N LEU B 149 15.22 -17.13 9.85
CA LEU B 149 15.49 -18.16 8.85
C LEU B 149 16.28 -17.64 7.67
N VAL B 150 16.09 -16.36 7.34
CA VAL B 150 16.77 -15.83 6.17
C VAL B 150 17.84 -14.81 6.53
N ASN B 151 18.24 -14.81 7.81
CA ASN B 151 19.32 -13.93 8.28
CA ASN B 151 19.31 -13.94 8.29
C ASN B 151 18.99 -12.46 8.07
N THR B 152 17.76 -12.08 8.38
CA THR B 152 17.37 -10.70 8.20
C THR B 152 18.25 -9.78 9.03
N PRO B 153 18.81 -8.74 8.39
CA PRO B 153 19.55 -7.75 9.18
C PRO B 153 18.63 -6.94 10.11
N SER B 154 19.15 -6.49 11.25
CA SER B 154 18.32 -5.86 12.25
C SER B 154 17.63 -4.60 11.73
N GLU B 155 18.20 -3.98 10.69
CA GLU B 155 17.63 -2.75 10.13
C GLU B 155 16.39 -2.98 9.26
N LEU B 156 16.07 -4.24 9.00
CA LEU B 156 14.93 -4.56 8.13
C LEU B 156 13.86 -5.30 8.88
N ARG B 157 12.63 -5.08 8.43
CA ARG B 157 11.44 -5.66 9.03
C ARG B 157 10.71 -6.41 7.93
N LEU B 158 10.46 -7.69 8.13
CA LEU B 158 9.66 -8.43 7.16
C LEU B 158 8.24 -7.96 7.21
N GLU B 159 7.68 -7.60 6.06
CA GLU B 159 6.29 -7.12 6.01
C GLU B 159 5.32 -8.21 5.58
N VAL B 160 5.72 -8.98 4.59
CA VAL B 160 4.81 -9.92 3.99
C VAL B 160 5.59 -10.95 3.19
N ILE B 161 5.04 -12.16 3.12
CA ILE B 161 5.57 -13.23 2.26
C ILE B 161 4.62 -13.34 1.10
N LEU B 162 5.14 -13.19 -0.10
CA LEU B 162 4.35 -13.31 -1.33
C LEU B 162 4.78 -14.55 -2.09
N PRO B 163 4.06 -15.65 -1.91
CA PRO B 163 4.29 -16.80 -2.80
C PRO B 163 3.90 -16.38 -4.19
N VAL B 164 4.72 -16.72 -5.18
CA VAL B 164 4.48 -16.29 -6.55
C VAL B 164 4.64 -17.47 -7.45
N GLY B 165 3.72 -17.62 -8.38
CA GLY B 165 3.82 -18.72 -9.32
C GLY B 165 2.77 -18.53 -10.37
N TYR B 166 2.69 -19.51 -11.28
CA TYR B 166 1.56 -19.54 -12.20
C TYR B 166 0.33 -19.97 -11.44
N PRO B 167 -0.80 -19.27 -11.65
CA PRO B 167 -1.97 -19.64 -10.87
C PRO B 167 -2.50 -21.01 -11.22
N ASP B 168 -2.97 -21.70 -10.20
CA ASP B 168 -3.64 -22.96 -10.37
C ASP B 168 -4.79 -22.99 -9.37
N ASP B 169 -5.33 -21.82 -9.04
CA ASP B 169 -6.30 -21.69 -7.94
C ASP B 169 -7.69 -21.34 -8.47
N PRO B 170 -8.57 -22.35 -8.58
CA PRO B 170 -9.94 -22.05 -9.03
C PRO B 170 -10.77 -21.20 -8.06
N LYS B 171 -10.29 -20.93 -6.85
CA LYS B 171 -11.11 -20.22 -5.89
C LYS B 171 -11.41 -18.81 -6.42
N PRO B 172 -12.70 -18.49 -6.56
CA PRO B 172 -13.13 -17.19 -7.08
C PRO B 172 -12.74 -16.04 -6.15
N LYS B 173 -12.62 -14.87 -6.75
CA LYS B 173 -12.42 -13.64 -6.00
C LYS B 173 -13.60 -13.48 -5.05
N TYR B 174 -13.33 -13.01 -3.84
CA TYR B 174 -14.40 -12.72 -2.90
C TYR B 174 -15.07 -11.42 -3.29
N PRO B 175 -16.28 -11.18 -2.76
CA PRO B 175 -17.02 -9.98 -3.13
C PRO B 175 -16.30 -8.71 -2.80
N ARG B 176 -16.73 -7.65 -3.45
CA ARG B 176 -16.35 -6.29 -3.12
C ARG B 176 -17.62 -5.48 -3.01
N ASN B 177 -17.85 -4.91 -1.85
CA ASN B 177 -18.92 -3.93 -1.72
C ASN B 177 -18.60 -2.70 -2.55
N GLU B 178 -19.65 -2.05 -3.04
CA GLU B 178 -19.49 -0.79 -3.75
C GLU B 178 -18.87 0.21 -2.81
N VAL B 179 -18.03 1.08 -3.35
CA VAL B 179 -17.50 2.16 -2.52
C VAL B 179 -18.67 3.08 -2.21
N ILE B 180 -18.77 3.44 -0.94
CA ILE B 180 -19.67 4.47 -0.47
C ILE B 180 -18.80 5.62 0.06
N VAL B 181 -18.85 6.74 -0.63
CA VAL B 181 -18.03 7.87 -0.25
C VAL B 181 -18.82 8.76 0.66
N ARG B 182 -18.11 9.58 1.41
CA ARG B 182 -18.72 10.65 2.15
C ARG B 182 -18.12 11.94 1.65
N TYR B 183 -18.83 13.04 1.90
CA TYR B 183 -18.39 14.36 1.46
C TYR B 183 -18.22 15.30 2.65
N ASN B 184 -17.06 15.94 2.63
CA ASN B 184 -16.66 16.98 3.55
C ASN B 184 -16.51 16.56 5.01
N THR B 185 -17.58 16.08 5.62
CA THR B 185 -17.51 15.55 6.97
C THR B 185 -18.39 14.35 7.15
N PHE B 186 -18.11 13.59 8.20
CA PHE B 186 -18.95 12.46 8.59
C PHE B 186 -20.25 12.98 9.20
N1 FMN C . 5.04 14.58 0.22
C2 FMN C . 4.88 15.76 0.86
O2 FMN C . 5.08 16.80 0.27
N3 FMN C . 4.50 15.77 2.17
C4 FMN C . 4.24 14.62 2.87
O4 FMN C . 3.90 14.69 4.04
C4A FMN C . 4.41 13.40 2.20
N5 FMN C . 4.17 12.22 2.87
C5A FMN C . 4.30 11.02 2.19
C6 FMN C . 4.03 9.84 2.88
C7 FMN C . 4.16 8.61 2.23
C7M FMN C . 3.85 7.36 3.00
C8 FMN C . 4.55 8.60 0.90
C8M FMN C . 4.63 7.28 0.20
C9 FMN C . 4.81 9.78 0.21
C9A FMN C . 4.69 11.00 0.85
N10 FMN C . 4.97 12.22 0.19
C10 FMN C . 4.79 13.40 0.88
C1' FMN C . 5.39 12.24 -1.24
C2' FMN C . 6.89 11.86 -1.36
O2' FMN C . 7.73 12.96 -1.01
C3' FMN C . 7.20 11.38 -2.78
O3' FMN C . 6.50 10.18 -2.97
C4' FMN C . 8.71 11.13 -3.04
O4' FMN C . 9.37 12.37 -2.95
C5' FMN C . 8.91 10.57 -4.41
O5' FMN C . 8.31 11.44 -5.36
P FMN C . 8.40 11.11 -6.89
O1P FMN C . 7.79 12.30 -7.65
O2P FMN C . 7.59 9.87 -7.18
O3P FMN C . 9.84 10.84 -7.28
HN3 FMN C . 4.40 16.68 2.66
H6 FMN C . 3.74 9.88 3.93
HM71 FMN C . 3.98 6.50 2.35
HM72 FMN C . 2.82 7.39 3.36
HM73 FMN C . 4.53 7.28 3.85
HM81 FMN C . 4.93 7.43 -0.84
HM82 FMN C . 3.67 6.77 0.23
HM83 FMN C . 5.38 6.65 0.69
H9 FMN C . 4.98 9.74 -0.87
H1'1 FMN C . 5.23 13.23 -1.65
H1'2 FMN C . 4.79 11.53 -1.81
H2' FMN C . 7.08 11.04 -0.68
HO2' FMN C . 8.32 13.16 -1.77
H3' FMN C . 6.85 12.12 -3.49
HO3' FMN C . 7.12 9.46 -3.22
H4' FMN C . 9.09 10.44 -2.29
HO4' FMN C . 9.81 12.56 -3.81
H5'1 FMN C . 8.46 9.58 -4.49
H5'2 FMN C . 9.98 10.48 -4.62
N TYR D . 4.98 16.27 6.02
CA TYR D . 6.07 17.24 5.82
C TYR D . 5.81 18.11 4.59
O TYR D . 6.57 19.05 4.32
CB TYR D . 7.41 16.52 5.69
CG TYR D . 7.51 15.48 4.59
CD1 TYR D . 7.65 15.85 3.26
CD2 TYR D . 7.52 14.13 4.89
CE1 TYR D . 7.78 14.90 2.26
CE2 TYR D . 7.65 13.17 3.89
CZ TYR D . 7.77 13.57 2.58
OH TYR D . 7.88 12.61 1.60
OXT TYR D . 4.83 17.88 3.87
HA TYR D . 6.12 17.82 6.59
HB2 TYR D . 8.10 17.18 5.52
HB3 TYR D . 7.59 16.07 6.52
HD1 TYR D . 7.66 16.75 3.04
HD2 TYR D . 7.44 13.86 5.78
HE1 TYR D . 7.86 15.16 1.37
HE2 TYR D . 7.64 12.26 4.11
HH TYR D . 7.86 11.83 1.94
CL CL E . 3.97 11.25 -4.33
CL CL F . -4.88 1.61 13.87
CL CL G . 4.68 19.86 -8.05
CL CL H . 15.48 11.95 -3.50
N1 FMN I . -4.38 -14.48 2.96
C2 FMN I . -4.06 -15.62 3.64
O2 FMN I . -4.44 -16.69 3.19
N3 FMN I . -3.34 -15.57 4.80
C4 FMN I . -2.91 -14.35 5.28
O4 FMN I . -2.23 -14.31 6.30
C4A FMN I . -3.22 -13.20 4.58
N5 FMN I . -2.80 -11.97 5.04
C5A FMN I . -3.12 -10.84 4.32
C6 FMN I . -2.67 -9.63 4.77
C7 FMN I . -2.95 -8.47 4.05
C7M FMN I . -2.43 -7.18 4.58
C8 FMN I . -3.68 -8.54 2.87
C8M FMN I . -4.00 -7.32 2.07
C9 FMN I . -4.16 -9.77 2.44
C9A FMN I . -3.85 -10.92 3.16
N10 FMN I . -4.31 -12.15 2.71
C10 FMN I . -3.96 -13.27 3.42
C1' FMN I . -5.12 -12.25 1.46
C2' FMN I . -6.61 -11.91 1.80
O2' FMN I . -7.30 -12.90 2.52
C3' FMN I . -7.34 -11.58 0.50
O3' FMN I . -6.71 -10.45 -0.01
C4' FMN I . -8.85 -11.34 0.64
O4' FMN I . -9.46 -12.54 0.99
C5' FMN I . -9.50 -10.87 -0.64
O5' FMN I . -9.20 -11.83 -1.64
P FMN I . -9.72 -11.63 -3.13
O1P FMN I . -11.21 -11.30 -3.03
O2P FMN I . -9.38 -12.87 -3.96
O3P FMN I . -8.98 -10.49 -3.78
HN3 FMN I . -3.01 -16.45 5.23
H6 FMN I . -2.08 -9.56 5.68
HM71 FMN I . -2.72 -6.35 3.91
HM72 FMN I . -1.35 -7.22 4.64
HM73 FMN I . -2.85 -6.99 5.57
HM81 FMN I . -4.60 -7.60 1.21
HM82 FMN I . -3.08 -6.85 1.75
HM83 FMN I . -4.56 -6.62 2.69
H9 FMN I . -4.84 -9.82 1.59
H1'1 FMN I . -5.06 -13.27 1.06
H1'2 FMN I . -4.74 -11.56 0.70
H2' FMN I . -6.59 -10.99 2.39
HO2' FMN I . -8.10 -13.17 2.02
H3' FMN I . -7.20 -12.42 -0.20
HO3' FMN I . -7.37 -9.73 -0.15
H4' FMN I . -9.01 -10.59 1.42
HO4' FMN I . -10.15 -12.77 0.33
H5'1 FMN I . -9.13 -9.89 -0.93
H5'2 FMN I . -10.58 -10.80 -0.51
N TYR J . -2.64 -15.81 8.69
CA TYR J . -3.80 -16.72 8.82
C TYR J . -3.94 -17.66 7.65
O TYR J . -4.80 -18.57 7.67
CB TYR J . -5.08 -15.92 9.02
CG TYR J . -5.51 -14.98 7.90
CD1 TYR J . -6.04 -15.48 6.71
CD2 TYR J . -5.45 -13.61 8.07
CE1 TYR J . -6.49 -14.62 5.70
CE2 TYR J . -5.88 -12.73 7.08
CZ TYR J . -6.40 -13.24 5.90
OH TYR J . -6.84 -12.37 4.94
OXT TYR J . -3.19 -17.56 6.68
HA TYR J . -3.66 -17.26 9.62
HB2 TYR J . -5.80 -16.55 9.15
HB3 TYR J . -4.97 -15.38 9.82
HD1 TYR J . -6.11 -16.40 6.58
HD2 TYR J . -5.11 -13.26 8.87
HE1 TYR J . -6.82 -14.96 4.92
HE2 TYR J . -5.83 -11.82 7.22
HH TYR J . -6.73 -11.58 5.19
CL CL K . -4.84 -11.56 -2.04
CL CL L . -15.63 -12.10 2.20
#